data_1KPU
#
_entry.id   1KPU
#
_cell.length_a   136.086
_cell.length_b   88.121
_cell.length_c   45.240
_cell.angle_alpha   90.00
_cell.angle_beta   90.00
_cell.angle_gamma   90.00
#
_symmetry.space_group_name_H-M   'P 21 21 2'
#
loop_
_entity.id
_entity.type
_entity.pdbx_description
1 polymer 'H-2 class I histocompatibility antigen, K-B alpha chain'
2 polymer beta-2-microglobulin
3 polymer nucleocapsid
4 branched 2-acetamido-2-deoxy-beta-D-glucopyranose-(1-4)-[alpha-L-fucopyranose-(1-6)]2-acetamido-2-deoxy-beta-D-glucopyranose
5 non-polymer 2-acetamido-2-deoxy-beta-D-glucopyranose
6 non-polymer (4S)-2-METHYL-2,4-PENTANEDIOL
7 water water
#
loop_
_entity_poly.entity_id
_entity_poly.type
_entity_poly.pdbx_seq_one_letter_code
_entity_poly.pdbx_strand_id
1 'polypeptide(L)'
;GPHSLRYFVTAVSRPGLGEPRYMEVGYVDDTEFVRFDSDAENPRYEPRARWMEQEGPEYWERETQKAKGNEQSFRVDLRT
LLGYYNQSKGGSHTIQVISGCEVGSDGRLLRGYQQYAYDGCDYIALNEDLKTWTAADMAALITKHKWEQAGEAERLRAYL
EGTCVEWLRRYLKNGNATLLRTDSPKAHVTHHSRPEDKVTLRCWALGFYPADITLTWQLNGEELIQDMELVETRPAGDGT
FQKWASVVVPLGKEQYYTCHVYHQGLPEPLTLRW
;
A
2 'polypeptide(L)'
;IQKTPQIQVYSRHPPENGKPNILNCYVTQFHPPHIEIQMLKNGKKIPKVEMSDMSFSKDWSFYILAHTEFTPTETDTYAC
RVKHDSMAEPKTVYWDRDM
;
B
3 'polypeptide(L)' RGYVYQGL P
#
loop_
_chem_comp.id
_chem_comp.type
_chem_comp.name
_chem_comp.formula
FUC L-saccharide, alpha linking alpha-L-fucopyranose 'C6 H12 O5'
MPD non-polymer (4S)-2-METHYL-2,4-PENTANEDIOL 'C6 H14 O2'
NAG D-saccharide, beta linking 2-acetamido-2-deoxy-beta-D-glucopyranose 'C8 H15 N O6'
#
# COMPACT_ATOMS: atom_id res chain seq x y z
N GLY A 1 -2.63 -8.88 -19.52
CA GLY A 1 -3.81 -8.17 -18.95
C GLY A 1 -3.44 -6.70 -18.82
N PRO A 2 -4.28 -5.93 -18.14
CA PRO A 2 -4.04 -4.50 -17.93
C PRO A 2 -2.99 -4.27 -16.86
N HIS A 3 -2.40 -3.06 -16.89
CA HIS A 3 -1.33 -2.67 -16.02
C HIS A 3 -1.49 -1.21 -15.65
N SER A 4 -0.93 -0.83 -14.51
CA SER A 4 -1.05 0.55 -14.02
C SER A 4 0.26 1.13 -13.59
N LEU A 5 0.31 2.45 -13.66
CA LEU A 5 1.40 3.23 -13.09
C LEU A 5 0.74 4.21 -12.11
N ARG A 6 1.17 4.20 -10.85
CA ARG A 6 0.55 5.06 -9.86
C ARG A 6 1.61 5.71 -8.99
N TYR A 7 1.37 6.95 -8.63
CA TYR A 7 2.21 7.66 -7.67
C TYR A 7 1.36 8.09 -6.49
N PHE A 8 1.81 7.72 -5.29
CA PHE A 8 1.19 8.14 -4.03
C PHE A 8 2.06 9.24 -3.41
N VAL A 9 1.49 10.43 -3.23
CA VAL A 9 2.20 11.60 -2.72
C VAL A 9 1.59 12.05 -1.41
N THR A 10 2.43 12.33 -0.42
CA THR A 10 1.99 12.81 0.90
C THR A 10 2.86 13.96 1.36
N ALA A 11 2.23 15.01 1.88
CA ALA A 11 2.93 16.13 2.50
C ALA A 11 2.30 16.32 3.87
N VAL A 12 3.12 16.34 4.92
CA VAL A 12 2.62 16.43 6.28
C VAL A 12 3.34 17.53 7.05
N SER A 13 2.60 18.52 7.51
CA SER A 13 3.26 19.59 8.26
C SER A 13 3.57 19.15 9.70
N ARG A 14 4.54 19.82 10.32
CA ARG A 14 4.91 19.53 11.72
C ARG A 14 5.41 20.83 12.36
N PRO A 15 4.49 21.71 12.70
CA PRO A 15 4.84 23.01 13.26
C PRO A 15 5.71 22.84 14.47
N GLY A 16 6.74 23.67 14.54
CA GLY A 16 7.66 23.60 15.65
C GLY A 16 8.77 22.62 15.44
N LEU A 17 8.71 21.81 14.37
CA LEU A 17 9.73 20.80 14.13
C LEU A 17 10.29 20.88 12.71
N GLY A 18 10.27 22.06 12.14
CA GLY A 18 10.84 22.26 10.82
C GLY A 18 9.86 22.12 9.67
N GLU A 19 10.45 21.84 8.53
CA GLU A 19 9.69 21.76 7.28
C GLU A 19 8.83 20.51 7.22
N PRO A 20 7.79 20.53 6.39
CA PRO A 20 6.94 19.35 6.27
C PRO A 20 7.70 18.12 5.76
N ARG A 21 7.20 16.95 6.11
CA ARG A 21 7.74 15.74 5.50
C ARG A 21 7.00 15.55 4.18
N TYR A 22 7.76 15.21 3.15
CA TYR A 22 7.25 15.06 1.80
C TYR A 22 7.74 13.73 1.21
N MET A 23 6.80 12.92 0.72
CA MET A 23 7.15 11.63 0.19
C MET A 23 6.41 11.36 -1.08
N GLU A 24 7.08 10.70 -2.01
CA GLU A 24 6.45 10.19 -3.23
C GLU A 24 6.83 8.73 -3.36
N VAL A 25 5.84 7.87 -3.64
CA VAL A 25 6.10 6.43 -3.83
C VAL A 25 5.40 6.03 -5.13
N GLY A 26 6.14 5.41 -6.06
CA GLY A 26 5.64 4.95 -7.32
C GLY A 26 5.48 3.45 -7.39
N TYR A 27 4.41 2.99 -8.04
CA TYR A 27 4.13 1.57 -8.23
C TYR A 27 3.84 1.30 -9.70
N VAL A 28 4.36 0.18 -10.21
CA VAL A 28 3.86 -0.41 -11.43
C VAL A 28 3.07 -1.64 -10.97
N ASP A 29 1.79 -1.68 -11.28
CA ASP A 29 0.88 -2.69 -10.74
C ASP A 29 0.98 -2.69 -9.23
N ASP A 30 1.26 -3.86 -8.67
CA ASP A 30 1.38 -4.05 -7.22
C ASP A 30 2.81 -3.94 -6.68
N THR A 31 3.74 -3.53 -7.54
CA THR A 31 5.21 -3.57 -7.26
C THR A 31 5.74 -2.13 -7.02
N GLU A 32 6.25 -1.84 -5.83
CA GLU A 32 6.89 -0.55 -5.55
C GLU A 32 8.15 -0.46 -6.43
N PHE A 33 8.36 0.67 -7.10
CA PHE A 33 9.54 0.77 -8.01
C PHE A 33 10.40 2.02 -7.84
N VAL A 34 9.88 3.10 -7.27
CA VAL A 34 10.65 4.32 -7.00
C VAL A 34 10.14 5.00 -5.75
N ARG A 35 10.99 5.79 -5.11
CA ARG A 35 10.59 6.54 -3.92
C ARG A 35 11.43 7.77 -3.71
N PHE A 36 10.81 8.81 -3.16
CA PHE A 36 11.48 10.03 -2.72
C PHE A 36 10.99 10.30 -1.29
N ASP A 37 11.92 10.55 -0.36
CA ASP A 37 11.56 10.88 1.03
C ASP A 37 12.42 12.06 1.50
N SER A 38 11.79 13.19 1.80
CA SER A 38 12.51 14.39 2.24
C SER A 38 13.28 14.21 3.56
N ASP A 39 12.91 13.23 4.36
CA ASP A 39 13.55 13.05 5.68
C ASP A 39 14.84 12.23 5.59
N ALA A 40 15.19 11.78 4.40
CA ALA A 40 16.45 11.06 4.22
C ALA A 40 17.58 12.06 4.36
N GLU A 41 18.77 11.57 4.67
CA GLU A 41 19.93 12.45 4.84
C GLU A 41 20.18 13.32 3.63
N ASN A 42 20.32 12.66 2.47
CA ASN A 42 20.53 13.34 1.20
C ASN A 42 19.34 13.02 0.27
N PRO A 43 18.22 13.71 0.41
CA PRO A 43 17.01 13.35 -0.34
C PRO A 43 17.19 13.24 -1.85
N ARG A 44 16.91 12.05 -2.38
CA ARG A 44 16.97 11.85 -3.83
C ARG A 44 15.96 10.80 -4.26
N TYR A 45 15.55 10.83 -5.51
CA TYR A 45 14.68 9.78 -6.02
C TYR A 45 15.54 8.54 -6.11
N GLU A 46 15.00 7.41 -5.67
CA GLU A 46 15.73 6.14 -5.58
C GLU A 46 14.96 4.98 -6.16
N PRO A 47 15.66 4.05 -6.78
CA PRO A 47 15.01 2.83 -7.26
C PRO A 47 14.57 1.92 -6.13
N ARG A 48 13.45 1.26 -6.30
CA ARG A 48 12.94 0.32 -5.31
C ARG A 48 12.70 -1.07 -5.93
N ALA A 49 12.88 -1.20 -7.24
CA ALA A 49 12.81 -2.48 -7.94
C ALA A 49 14.12 -2.64 -8.72
N ARG A 50 14.59 -3.88 -8.83
CA ARG A 50 15.87 -4.19 -9.46
C ARG A 50 15.92 -3.74 -10.90
N TRP A 51 14.82 -3.88 -11.64
CA TRP A 51 14.83 -3.51 -13.05
C TRP A 51 15.05 -2.02 -13.33
N MET A 52 14.89 -1.18 -12.30
CA MET A 52 15.10 0.24 -12.48
C MET A 52 16.62 0.58 -12.60
N GLU A 53 17.46 -0.42 -12.42
CA GLU A 53 18.89 -0.28 -12.71
C GLU A 53 19.12 0.04 -14.20
N GLN A 54 18.12 -0.20 -15.03
CA GLN A 54 18.22 0.01 -16.48
C GLN A 54 18.10 1.49 -16.88
N GLU A 55 17.73 2.37 -15.95
CA GLU A 55 17.71 3.79 -16.28
C GLU A 55 19.10 4.40 -16.04
N GLY A 56 19.47 5.41 -16.79
CA GLY A 56 20.76 6.05 -16.62
C GLY A 56 20.75 7.12 -15.56
N PRO A 57 21.90 7.72 -15.27
CA PRO A 57 21.95 8.72 -14.21
C PRO A 57 21.10 9.95 -14.47
N GLU A 58 20.85 10.28 -15.72
CA GLU A 58 20.04 11.45 -16.02
C GLU A 58 18.61 11.26 -15.50
N TYR A 59 18.09 10.05 -15.55
CA TYR A 59 16.74 9.76 -15.05
C TYR A 59 16.62 10.17 -13.60
N TRP A 60 17.57 9.72 -12.78
CA TRP A 60 17.57 10.00 -11.37
C TRP A 60 17.73 11.48 -11.06
N GLU A 61 18.58 12.17 -11.81
CA GLU A 61 18.79 13.60 -11.61
C GLU A 61 17.50 14.33 -11.92
N ARG A 62 16.88 14.01 -13.05
CA ARG A 62 15.65 14.69 -13.45
C ARG A 62 14.49 14.43 -12.52
N GLU A 63 14.32 13.18 -12.10
CA GLU A 63 13.24 12.90 -11.18
C GLU A 63 13.48 13.56 -9.79
N THR A 64 14.73 13.61 -9.37
CA THR A 64 15.08 14.26 -8.10
C THR A 64 14.70 15.75 -8.16
N GLN A 65 15.09 16.41 -9.24
CA GLN A 65 14.76 17.83 -9.39
C GLN A 65 13.26 18.05 -9.37
N LYS A 66 12.52 17.19 -10.06
CA LYS A 66 11.07 17.29 -10.07
C LYS A 66 10.47 17.12 -8.67
N ALA A 67 10.96 16.11 -7.94
CA ALA A 67 10.50 15.87 -6.59
C ALA A 67 10.80 17.04 -5.67
N LYS A 68 11.98 17.64 -5.81
CA LYS A 68 12.32 18.79 -4.94
C LYS A 68 11.38 19.97 -5.24
N GLY A 69 11.03 20.14 -6.51
CA GLY A 69 10.12 21.22 -6.86
C GLY A 69 8.74 20.95 -6.32
N ASN A 70 8.31 19.70 -6.45
CA ASN A 70 7.03 19.30 -5.90
C ASN A 70 6.99 19.53 -4.37
N GLU A 71 8.05 19.16 -3.65
CA GLU A 71 8.14 19.35 -2.20
C GLU A 71 7.88 20.82 -1.87
N GLN A 72 8.52 21.72 -2.59
CA GLN A 72 8.28 23.15 -2.34
C GLN A 72 6.84 23.60 -2.64
N SER A 73 6.27 23.11 -3.73
CA SER A 73 4.88 23.40 -4.10
C SER A 73 3.92 22.94 -2.98
N PHE A 74 4.15 21.75 -2.45
CA PHE A 74 3.26 21.23 -1.40
C PHE A 74 3.43 21.96 -0.06
N ARG A 75 4.62 22.47 0.19
CA ARG A 75 4.86 23.26 1.40
C ARG A 75 3.99 24.53 1.33
N VAL A 76 3.96 25.17 0.16
CA VAL A 76 3.11 26.33 -0.07
C VAL A 76 1.64 25.93 0.05
N ASP A 77 1.27 24.79 -0.53
CA ASP A 77 -0.11 24.33 -0.49
C ASP A 77 -0.61 24.15 0.96
N LEU A 78 0.22 23.59 1.82
CA LEU A 78 -0.18 23.44 3.25
C LEU A 78 -0.52 24.80 3.85
N ARG A 79 0.29 25.80 3.54
CA ARG A 79 0.01 27.15 4.03
C ARG A 79 -1.27 27.72 3.40
N THR A 80 -1.44 27.52 2.12
CA THR A 80 -2.64 28.00 1.42
C THR A 80 -3.88 27.42 2.03
N LEU A 81 -3.88 26.13 2.29
CA LEU A 81 -5.08 25.49 2.86
C LEU A 81 -5.40 25.97 4.29
N LEU A 82 -4.39 26.33 5.07
CA LEU A 82 -4.69 26.91 6.38
C LEU A 82 -5.55 28.15 6.17
N GLY A 83 -5.27 28.91 5.13
CA GLY A 83 -6.05 30.09 4.82
C GLY A 83 -7.46 29.74 4.36
N TYR A 84 -7.55 28.81 3.41
CA TYR A 84 -8.87 28.43 2.92
C TYR A 84 -9.81 27.92 4.04
N TYR A 85 -9.27 27.14 4.97
CA TYR A 85 -10.07 26.54 6.05
C TYR A 85 -10.05 27.32 7.38
N ASN A 86 -9.35 28.44 7.39
CA ASN A 86 -9.23 29.31 8.60
C ASN A 86 -8.70 28.53 9.78
N GLN A 87 -7.57 27.85 9.57
CA GLN A 87 -6.96 27.00 10.61
C GLN A 87 -5.68 27.63 11.16
N SER A 88 -5.27 27.25 12.36
CA SER A 88 -4.06 27.76 12.98
C SER A 88 -2.78 27.19 12.39
N LYS A 89 -1.68 27.88 12.67
CA LYS A 89 -0.36 27.45 12.22
C LYS A 89 0.28 26.44 13.16
N GLY A 90 -0.39 26.05 14.22
CA GLY A 90 0.18 25.16 15.22
C GLY A 90 -0.16 23.68 15.11
N GLY A 91 -1.13 23.35 14.27
CA GLY A 91 -1.56 21.98 14.11
C GLY A 91 -0.99 21.29 12.86
N SER A 92 -0.81 19.97 12.95
CA SER A 92 -0.35 19.18 11.80
C SER A 92 -1.49 18.87 10.87
N HIS A 93 -1.20 18.95 9.57
CA HIS A 93 -2.18 18.66 8.54
C HIS A 93 -1.52 17.84 7.43
N THR A 94 -2.33 17.17 6.63
CA THR A 94 -1.82 16.26 5.60
C THR A 94 -2.48 16.52 4.26
N ILE A 95 -1.70 16.55 3.16
CA ILE A 95 -2.22 16.54 1.79
C ILE A 95 -1.81 15.18 1.20
N GLN A 96 -2.74 14.50 0.54
CA GLN A 96 -2.47 13.25 -0.15
C GLN A 96 -2.93 13.37 -1.59
N VAL A 97 -2.15 12.78 -2.49
CA VAL A 97 -2.52 12.71 -3.93
C VAL A 97 -2.25 11.32 -4.46
N ILE A 98 -3.18 10.80 -5.27
CA ILE A 98 -2.95 9.57 -6.04
C ILE A 98 -3.09 10.00 -7.52
N SER A 99 -2.11 9.69 -8.35
CA SER A 99 -2.10 10.04 -9.78
C SER A 99 -1.66 8.82 -10.57
N GLY A 100 -2.19 8.63 -11.78
CA GLY A 100 -1.70 7.55 -12.58
C GLY A 100 -2.55 7.21 -13.77
N CYS A 101 -2.16 6.13 -14.40
CA CYS A 101 -2.84 5.69 -15.61
C CYS A 101 -2.85 4.17 -15.68
N GLU A 102 -3.82 3.63 -16.42
CA GLU A 102 -3.91 2.21 -16.66
C GLU A 102 -3.97 1.98 -18.14
N VAL A 103 -3.26 0.96 -18.60
CA VAL A 103 -3.30 0.56 -20.01
C VAL A 103 -3.76 -0.89 -20.12
N GLY A 104 -4.30 -1.21 -21.28
CA GLY A 104 -4.72 -2.58 -21.60
C GLY A 104 -3.53 -3.43 -21.99
N SER A 105 -3.81 -4.69 -22.36
CA SER A 105 -2.77 -5.63 -22.79
C SER A 105 -2.01 -5.14 -24.02
N ASP A 106 -2.67 -4.31 -24.80
CA ASP A 106 -2.10 -3.74 -26.02
C ASP A 106 -1.36 -2.42 -25.80
N GLY A 107 -1.24 -1.99 -24.55
CA GLY A 107 -0.53 -0.78 -24.21
C GLY A 107 -1.27 0.52 -24.43
N ARG A 108 -2.55 0.47 -24.78
CA ARG A 108 -3.31 1.68 -24.96
C ARG A 108 -4.06 2.07 -23.68
N LEU A 109 -4.23 3.38 -23.52
CA LEU A 109 -4.88 3.93 -22.34
C LEU A 109 -6.28 3.43 -22.09
N LEU A 110 -6.54 2.99 -20.87
CA LEU A 110 -7.89 2.63 -20.42
C LEU A 110 -8.46 3.72 -19.55
N ARG A 111 -7.64 4.28 -18.66
CA ARG A 111 -8.12 5.36 -17.81
C ARG A 111 -6.98 6.08 -17.15
N GLY A 112 -7.24 7.33 -16.79
CA GLY A 112 -6.26 8.11 -16.07
C GLY A 112 -6.98 8.72 -14.90
N TYR A 113 -6.23 9.10 -13.88
CA TYR A 113 -6.83 9.67 -12.69
C TYR A 113 -5.85 10.52 -11.89
N GLN A 114 -6.44 11.41 -11.12
CA GLN A 114 -5.72 12.26 -10.18
C GLN A 114 -6.71 12.68 -9.10
N GLN A 115 -6.47 12.30 -7.87
CA GLN A 115 -7.36 12.63 -6.75
C GLN A 115 -6.55 13.14 -5.56
N TYR A 116 -7.03 14.23 -4.95
CA TYR A 116 -6.41 14.86 -3.79
C TYR A 116 -7.31 14.73 -2.56
N ALA A 117 -6.68 14.68 -1.40
CA ALA A 117 -7.35 14.73 -0.10
C ALA A 117 -6.62 15.67 0.85
N TYR A 118 -7.36 16.27 1.77
CA TYR A 118 -6.83 17.10 2.85
C TYR A 118 -7.37 16.55 4.15
N ASP A 119 -6.44 16.27 5.05
CA ASP A 119 -6.73 15.68 6.37
C ASP A 119 -7.61 14.45 6.23
N GLY A 120 -7.34 13.66 5.19
CA GLY A 120 -8.01 12.39 5.03
C GLY A 120 -9.39 12.43 4.43
N CYS A 121 -9.77 13.57 3.87
CA CYS A 121 -11.08 13.72 3.25
C CYS A 121 -10.90 14.19 1.83
N ASP A 122 -11.78 13.75 0.95
CA ASP A 122 -11.74 14.15 -0.43
C ASP A 122 -11.64 15.66 -0.58
N TYR A 123 -10.77 16.12 -1.47
CA TYR A 123 -10.61 17.54 -1.76
C TYR A 123 -11.01 17.86 -3.21
N ILE A 124 -10.19 17.47 -4.21
CA ILE A 124 -10.52 17.71 -5.61
C ILE A 124 -10.09 16.51 -6.40
N ALA A 125 -10.79 16.22 -7.48
CA ALA A 125 -10.49 15.09 -8.33
C ALA A 125 -10.73 15.40 -9.80
N LEU A 126 -9.92 14.77 -10.66
CA LEU A 126 -10.18 14.82 -12.09
C LEU A 126 -11.34 13.87 -12.40
N ASN A 127 -12.26 14.29 -13.25
CA ASN A 127 -13.36 13.42 -13.65
C ASN A 127 -12.84 12.43 -14.70
N GLU A 128 -13.60 11.37 -14.97
CA GLU A 128 -13.17 10.32 -15.91
C GLU A 128 -12.90 10.84 -17.31
N ASP A 129 -13.57 11.93 -17.67
CA ASP A 129 -13.41 12.59 -18.97
C ASP A 129 -12.03 13.21 -19.19
N LEU A 130 -11.28 13.38 -18.10
CA LEU A 130 -9.95 14.02 -18.14
C LEU A 130 -10.03 15.48 -18.59
N LYS A 131 -11.20 16.11 -18.42
CA LYS A 131 -11.39 17.48 -18.89
C LYS A 131 -11.90 18.40 -17.78
N THR A 132 -12.58 17.83 -16.79
CA THR A 132 -13.17 18.65 -15.72
C THR A 132 -12.85 18.09 -14.37
N TRP A 133 -13.03 18.91 -13.34
CA TRP A 133 -12.74 18.60 -11.96
C TRP A 133 -13.99 18.50 -11.11
N THR A 134 -13.93 17.74 -10.04
CA THR A 134 -15.01 17.78 -9.07
C THR A 134 -14.42 18.14 -7.71
N ALA A 135 -15.06 19.10 -7.04
CA ALA A 135 -14.56 19.66 -5.78
C ALA A 135 -15.49 19.29 -4.64
N ALA A 136 -14.93 18.81 -3.54
CA ALA A 136 -15.73 18.32 -2.42
C ALA A 136 -16.26 19.38 -1.48
N ASP A 137 -15.65 20.56 -1.47
CA ASP A 137 -16.08 21.64 -0.59
C ASP A 137 -15.70 23.00 -1.20
N MET A 138 -16.00 24.08 -0.50
CA MET A 138 -15.79 25.42 -1.05
C MET A 138 -14.32 25.79 -1.20
N ALA A 139 -13.46 25.21 -0.37
CA ALA A 139 -12.02 25.45 -0.48
C ALA A 139 -11.55 24.86 -1.79
N ALA A 140 -11.93 23.61 -2.06
CA ALA A 140 -11.56 22.95 -3.30
C ALA A 140 -12.13 23.66 -4.51
N LEU A 141 -13.25 24.36 -4.31
CA LEU A 141 -13.86 25.10 -5.40
C LEU A 141 -12.95 26.28 -5.78
N ILE A 142 -12.22 26.83 -4.81
CA ILE A 142 -11.24 27.88 -5.11
C ILE A 142 -10.14 27.28 -5.99
N THR A 143 -9.61 26.12 -5.59
CA THR A 143 -8.61 25.45 -6.39
C THR A 143 -9.13 25.16 -7.80
N LYS A 144 -10.37 24.68 -7.90
CA LYS A 144 -10.95 24.34 -9.20
C LYS A 144 -10.93 25.57 -10.12
N HIS A 145 -11.30 26.70 -9.57
CA HIS A 145 -11.37 27.90 -10.38
C HIS A 145 -9.96 28.34 -10.78
N LYS A 146 -8.97 28.21 -9.90
CA LYS A 146 -7.59 28.52 -10.28
C LYS A 146 -7.11 27.61 -11.42
N TRP A 147 -7.39 26.32 -11.28
CA TRP A 147 -6.91 25.35 -12.25
C TRP A 147 -7.58 25.52 -13.59
N GLU A 148 -8.84 25.94 -13.60
CA GLU A 148 -9.53 26.20 -14.87
C GLU A 148 -8.91 27.37 -15.59
N GLN A 149 -8.53 28.43 -14.90
CA GLN A 149 -7.95 29.57 -15.62
C GLN A 149 -6.50 29.34 -16.02
N ALA A 150 -5.83 28.39 -15.38
CA ALA A 150 -4.43 28.09 -15.72
C ALA A 150 -4.30 26.99 -16.79
N GLY A 151 -5.43 26.45 -17.26
CA GLY A 151 -5.39 25.38 -18.25
C GLY A 151 -4.78 24.10 -17.71
N GLU A 152 -4.95 23.86 -16.42
CA GLU A 152 -4.39 22.69 -15.77
C GLU A 152 -4.93 21.34 -16.28
N ALA A 153 -6.23 21.24 -16.57
CA ALA A 153 -6.72 19.94 -17.02
C ALA A 153 -6.06 19.55 -18.35
N GLU A 154 -5.83 20.50 -19.25
CA GLU A 154 -5.16 20.18 -20.50
C GLU A 154 -3.74 19.66 -20.23
N ARG A 155 -3.04 20.30 -19.31
CA ARG A 155 -1.68 19.89 -18.98
C ARG A 155 -1.65 18.49 -18.39
N LEU A 156 -2.58 18.23 -17.48
CA LEU A 156 -2.65 16.95 -16.81
C LEU A 156 -3.03 15.86 -17.81
N ARG A 157 -3.97 16.16 -18.71
CA ARG A 157 -4.41 15.18 -19.69
C ARG A 157 -3.24 14.82 -20.59
N ALA A 158 -2.44 15.80 -20.96
CA ALA A 158 -1.27 15.56 -21.79
C ALA A 158 -0.28 14.60 -21.09
N TYR A 159 -0.10 14.77 -19.78
CA TYR A 159 0.72 13.86 -19.00
C TYR A 159 0.11 12.44 -18.97
N LEU A 160 -1.18 12.35 -18.65
CA LEU A 160 -1.85 11.06 -18.49
C LEU A 160 -1.82 10.28 -19.80
N GLU A 161 -2.12 10.92 -20.91
CA GLU A 161 -2.18 10.24 -22.21
C GLU A 161 -0.85 10.03 -22.88
N GLY A 162 0.14 10.83 -22.52
CA GLY A 162 1.45 10.82 -23.10
C GLY A 162 2.48 10.21 -22.20
N THR A 163 3.15 11.06 -21.42
CA THR A 163 4.21 10.62 -20.55
C THR A 163 3.89 9.40 -19.73
N CYS A 164 2.75 9.41 -19.06
CA CYS A 164 2.42 8.33 -18.16
C CYS A 164 2.32 6.99 -18.89
N VAL A 165 1.59 6.98 -20.01
CA VAL A 165 1.41 5.79 -20.83
C VAL A 165 2.77 5.35 -21.40
N GLU A 166 3.54 6.28 -21.93
CA GLU A 166 4.80 5.93 -22.57
C GLU A 166 5.81 5.35 -21.60
N TRP A 167 5.89 5.93 -20.40
CA TRP A 167 6.82 5.44 -19.41
C TRP A 167 6.32 4.11 -18.83
N LEU A 168 5.02 3.98 -18.61
CA LEU A 168 4.50 2.69 -18.14
C LEU A 168 4.90 1.58 -19.13
N ARG A 169 4.72 1.82 -20.44
CA ARG A 169 5.09 0.80 -21.42
C ARG A 169 6.56 0.43 -21.27
N ARG A 170 7.41 1.44 -21.10
CA ARG A 170 8.85 1.25 -20.93
C ARG A 170 9.16 0.44 -19.66
N TYR A 171 8.51 0.76 -18.55
CA TYR A 171 8.77 0.04 -17.34
C TYR A 171 8.38 -1.43 -17.48
N LEU A 172 7.24 -1.69 -18.12
CA LEU A 172 6.78 -3.06 -18.37
C LEU A 172 7.76 -3.84 -19.27
N LYS A 173 8.35 -3.17 -20.24
CA LYS A 173 9.34 -3.77 -21.12
C LYS A 173 10.61 -4.08 -20.35
N ASN A 174 11.11 -3.12 -19.61
CA ASN A 174 12.39 -3.27 -18.92
C ASN A 174 12.26 -4.27 -17.78
N GLY A 175 11.15 -4.21 -17.05
CA GLY A 175 10.89 -5.05 -15.91
C GLY A 175 10.08 -6.30 -16.20
N ASN A 176 10.03 -6.71 -17.46
CA ASN A 176 9.18 -7.86 -17.83
C ASN A 176 9.36 -9.11 -16.99
N ALA A 177 10.59 -9.45 -16.63
CA ALA A 177 10.80 -10.70 -15.86
C ALA A 177 10.12 -10.67 -14.49
N THR A 178 9.98 -9.47 -13.94
CA THR A 178 9.37 -9.27 -12.64
C THR A 178 7.89 -8.98 -12.75
N LEU A 179 7.56 -8.08 -13.64
CA LEU A 179 6.19 -7.54 -13.72
C LEU A 179 5.21 -8.46 -14.47
N LEU A 180 5.70 -9.25 -15.43
CA LEU A 180 4.82 -10.11 -16.23
C LEU A 180 4.82 -11.56 -15.75
N ARG A 181 5.46 -11.82 -14.62
CA ARG A 181 5.51 -13.16 -14.06
C ARG A 181 4.22 -13.52 -13.33
N THR A 182 4.06 -14.81 -13.12
CA THR A 182 3.00 -15.34 -12.28
C THR A 182 3.64 -16.31 -11.27
N ASP A 183 3.42 -16.06 -9.97
CA ASP A 183 3.87 -16.94 -8.91
C ASP A 183 2.57 -17.50 -8.33
N SER A 184 2.42 -18.82 -8.42
CA SER A 184 1.21 -19.50 -7.97
C SER A 184 1.13 -19.58 -6.45
N PRO A 185 -0.05 -19.36 -5.89
CA PRO A 185 -0.22 -19.57 -4.45
C PRO A 185 -0.04 -21.01 -4.03
N LYS A 186 0.50 -21.16 -2.82
CA LYS A 186 0.57 -22.42 -2.13
C LYS A 186 -0.35 -22.26 -0.93
N ALA A 187 -1.25 -23.20 -0.71
CA ALA A 187 -2.26 -23.03 0.31
C ALA A 187 -2.18 -24.13 1.37
N HIS A 188 -2.70 -23.78 2.54
CA HIS A 188 -2.87 -24.74 3.62
C HIS A 188 -3.94 -24.27 4.60
N VAL A 189 -4.44 -25.21 5.41
CA VAL A 189 -5.50 -24.91 6.37
C VAL A 189 -4.99 -25.18 7.79
N THR A 190 -5.23 -24.24 8.69
CA THR A 190 -4.93 -24.45 10.12
C THR A 190 -6.24 -24.57 10.88
N HIS A 191 -6.15 -25.11 12.09
CA HIS A 191 -7.29 -25.48 12.88
C HIS A 191 -7.06 -24.98 14.29
N HIS A 192 -8.06 -24.36 14.91
CA HIS A 192 -7.94 -23.87 16.28
C HIS A 192 -9.23 -24.08 17.07
N SER A 193 -9.09 -24.63 18.27
CA SER A 193 -10.23 -24.86 19.14
C SER A 193 -10.83 -23.56 19.64
N ARG A 194 -12.06 -23.65 20.09
CA ARG A 194 -12.78 -22.50 20.61
C ARG A 194 -13.64 -23.03 21.72
N PRO A 195 -14.20 -22.15 22.53
CA PRO A 195 -15.20 -22.60 23.49
C PRO A 195 -16.50 -22.95 22.75
N GLU A 196 -17.41 -23.63 23.43
CA GLU A 196 -18.71 -23.99 22.85
C GLU A 196 -18.66 -25.04 21.73
N ASP A 197 -17.68 -25.94 21.77
CA ASP A 197 -17.60 -27.03 20.79
C ASP A 197 -17.66 -26.54 19.32
N LYS A 198 -16.85 -25.53 19.04
CA LYS A 198 -16.71 -25.00 17.68
C LYS A 198 -15.24 -24.96 17.33
N VAL A 199 -14.92 -24.76 16.06
CA VAL A 199 -13.51 -24.74 15.66
C VAL A 199 -13.32 -23.65 14.63
N THR A 200 -12.17 -22.95 14.70
CA THR A 200 -11.85 -22.02 13.64
C THR A 200 -11.01 -22.72 12.59
N LEU A 201 -11.45 -22.66 11.34
CA LEU A 201 -10.64 -23.15 10.22
C LEU A 201 -10.11 -21.95 9.44
N ARG A 202 -8.79 -21.89 9.25
CA ARG A 202 -8.14 -20.75 8.54
C ARG A 202 -7.41 -21.25 7.33
N CYS A 203 -7.81 -20.74 6.18
CA CYS A 203 -7.20 -21.07 4.94
C CYS A 203 -6.20 -19.96 4.57
N TRP A 204 -4.98 -20.39 4.34
CA TRP A 204 -3.87 -19.52 3.98
C TRP A 204 -3.47 -19.69 2.52
N ALA A 205 -3.17 -18.56 1.84
CA ALA A 205 -2.59 -18.58 0.51
C ALA A 205 -1.31 -17.75 0.58
N LEU A 206 -0.22 -18.38 0.18
CA LEU A 206 1.10 -17.79 0.29
C LEU A 206 1.84 -17.74 -1.03
N GLY A 207 2.79 -16.82 -1.10
CA GLY A 207 3.77 -16.76 -2.17
C GLY A 207 3.33 -16.39 -3.55
N PHE A 208 2.25 -15.62 -3.65
CA PHE A 208 1.66 -15.38 -4.96
C PHE A 208 1.91 -13.97 -5.51
N TYR A 209 1.78 -13.88 -6.84
CA TYR A 209 1.93 -12.66 -7.60
C TYR A 209 1.23 -12.92 -8.94
N PRO A 210 0.42 -11.99 -9.42
CA PRO A 210 0.08 -10.70 -8.79
C PRO A 210 -0.79 -10.77 -7.57
N ALA A 211 -1.14 -9.63 -6.99
CA ALA A 211 -1.88 -9.58 -5.74
C ALA A 211 -3.36 -10.02 -5.80
N ASP A 212 -4.02 -9.84 -6.94
CA ASP A 212 -5.44 -10.22 -6.99
C ASP A 212 -5.61 -11.71 -6.75
N ILE A 213 -6.52 -12.05 -5.85
CA ILE A 213 -6.76 -13.45 -5.48
C ILE A 213 -8.15 -13.54 -4.88
N THR A 214 -8.77 -14.73 -4.99
CA THR A 214 -10.02 -14.93 -4.31
C THR A 214 -9.91 -16.17 -3.44
N LEU A 215 -10.28 -16.01 -2.16
CA LEU A 215 -10.39 -17.11 -1.21
C LEU A 215 -11.81 -17.22 -0.73
N THR A 216 -12.40 -18.41 -0.80
CA THR A 216 -13.73 -18.60 -0.26
C THR A 216 -13.80 -19.88 0.54
N TRP A 217 -14.80 -19.97 1.41
CA TRP A 217 -15.11 -21.21 2.11
C TRP A 217 -16.50 -21.65 1.63
N GLN A 218 -16.67 -22.96 1.44
CA GLN A 218 -17.93 -23.52 0.98
C GLN A 218 -18.40 -24.62 1.90
N LEU A 219 -19.72 -24.79 1.95
CA LEU A 219 -20.37 -25.86 2.69
C LEU A 219 -21.50 -26.29 1.78
N ASN A 220 -21.59 -27.59 1.46
CA ASN A 220 -22.67 -28.09 0.59
C ASN A 220 -22.72 -27.37 -0.76
N GLY A 221 -21.58 -26.87 -1.24
CA GLY A 221 -21.52 -26.21 -2.53
C GLY A 221 -21.81 -24.73 -2.54
N GLU A 222 -22.26 -24.17 -1.42
CA GLU A 222 -22.55 -22.75 -1.35
C GLU A 222 -21.45 -22.01 -0.58
N GLU A 223 -21.10 -20.82 -1.07
CA GLU A 223 -20.06 -20.02 -0.44
C GLU A 223 -20.58 -19.43 0.86
N LEU A 224 -19.66 -19.23 1.81
CA LEU A 224 -19.99 -18.67 3.13
C LEU A 224 -19.33 -17.30 3.31
N ILE A 225 -19.52 -16.40 2.36
CA ILE A 225 -18.92 -15.07 2.42
C ILE A 225 -19.39 -14.27 3.64
N GLN A 226 -20.62 -14.54 4.07
CA GLN A 226 -21.19 -13.82 5.20
C GLN A 226 -20.45 -14.16 6.49
N ASP A 227 -20.24 -15.44 6.72
CA ASP A 227 -19.64 -15.90 7.98
C ASP A 227 -18.09 -15.85 8.02
N MET A 228 -17.46 -15.50 6.91
CA MET A 228 -16.00 -15.49 6.85
C MET A 228 -15.36 -14.28 7.49
N GLU A 229 -14.18 -14.49 8.09
CA GLU A 229 -13.33 -13.41 8.55
C GLU A 229 -12.11 -13.47 7.67
N LEU A 230 -11.53 -12.32 7.37
CA LEU A 230 -10.33 -12.35 6.55
C LEU A 230 -9.51 -11.11 6.75
N VAL A 231 -8.34 -11.12 6.14
CA VAL A 231 -7.48 -9.96 6.10
C VAL A 231 -7.35 -9.51 4.66
N GLU A 232 -7.09 -8.21 4.49
CA GLU A 232 -6.80 -7.70 3.18
C GLU A 232 -5.50 -8.35 2.67
N THR A 233 -5.40 -8.53 1.35
CA THR A 233 -4.20 -9.13 0.75
C THR A 233 -3.01 -8.28 1.14
N ARG A 234 -1.89 -8.88 1.47
CA ARG A 234 -0.79 -8.09 2.08
C ARG A 234 0.55 -8.53 1.53
N PRO A 235 1.48 -7.59 1.42
CA PRO A 235 2.83 -7.87 0.92
C PRO A 235 3.69 -8.64 1.94
N ALA A 236 4.55 -9.52 1.45
CA ALA A 236 5.31 -10.41 2.36
C ALA A 236 6.80 -10.20 2.35
N GLY A 237 7.23 -9.06 1.80
CA GLY A 237 8.62 -8.62 1.99
C GLY A 237 9.60 -8.89 0.87
N ASP A 238 9.17 -9.71 -0.08
CA ASP A 238 10.00 -10.10 -1.22
C ASP A 238 9.31 -9.91 -2.57
N GLY A 239 8.29 -9.09 -2.62
CA GLY A 239 7.55 -8.85 -3.85
C GLY A 239 6.40 -9.79 -4.13
N THR A 240 6.11 -10.68 -3.18
CA THR A 240 4.93 -11.58 -3.28
C THR A 240 3.92 -11.17 -2.20
N PHE A 241 2.74 -11.82 -2.23
CA PHE A 241 1.64 -11.45 -1.39
C PHE A 241 1.10 -12.69 -0.67
N GLN A 242 0.32 -12.42 0.36
CA GLN A 242 -0.35 -13.46 1.12
C GLN A 242 -1.74 -13.00 1.59
N LYS A 243 -2.58 -13.97 1.94
CA LYS A 243 -3.91 -13.70 2.43
C LYS A 243 -4.40 -14.90 3.27
N TRP A 244 -5.34 -14.66 4.18
CA TRP A 244 -6.05 -15.76 4.84
C TRP A 244 -7.52 -15.40 5.00
N ALA A 245 -8.33 -16.45 5.12
CA ALA A 245 -9.76 -16.33 5.32
C ALA A 245 -10.16 -17.46 6.25
N SER A 246 -10.99 -17.17 7.23
CA SER A 246 -11.36 -18.18 8.22
C SER A 246 -12.88 -18.29 8.41
N VAL A 247 -13.30 -19.45 8.91
CA VAL A 247 -14.72 -19.70 9.23
C VAL A 247 -14.77 -20.46 10.55
N VAL A 248 -15.87 -20.30 11.29
CA VAL A 248 -16.08 -21.02 12.54
C VAL A 248 -17.14 -22.10 12.26
N VAL A 249 -16.81 -23.35 12.50
CA VAL A 249 -17.68 -24.48 12.17
C VAL A 249 -17.85 -25.36 13.40
N PRO A 250 -18.84 -26.24 13.39
CA PRO A 250 -19.03 -27.11 14.55
C PRO A 250 -17.95 -28.18 14.64
N LEU A 251 -17.53 -28.49 15.87
CA LEU A 251 -16.55 -29.54 16.13
C LEU A 251 -17.06 -30.88 15.62
N GLY A 252 -16.22 -31.59 14.87
CA GLY A 252 -16.57 -32.89 14.34
C GLY A 252 -17.09 -32.84 12.91
N LYS A 253 -17.42 -31.64 12.43
CA LYS A 253 -17.96 -31.46 11.08
C LYS A 253 -17.02 -30.69 10.15
N GLU A 254 -15.74 -30.64 10.51
CA GLU A 254 -14.76 -29.89 9.73
C GLU A 254 -14.59 -30.42 8.30
N GLN A 255 -14.66 -31.72 8.13
CA GLN A 255 -14.47 -32.35 6.82
C GLN A 255 -15.50 -31.93 5.77
N TYR A 256 -16.56 -31.24 6.15
CA TYR A 256 -17.59 -30.85 5.19
C TYR A 256 -17.34 -29.48 4.57
N TYR A 257 -16.33 -28.79 5.10
CA TYR A 257 -15.97 -27.44 4.65
C TYR A 257 -14.75 -27.48 3.75
N THR A 258 -14.80 -26.70 2.65
CA THR A 258 -13.69 -26.63 1.71
C THR A 258 -13.31 -25.18 1.42
N CYS A 259 -12.00 -24.96 1.34
CA CYS A 259 -11.46 -23.67 0.97
C CYS A 259 -11.18 -23.74 -0.54
N HIS A 260 -11.53 -22.68 -1.24
CA HIS A 260 -11.27 -22.54 -2.67
C HIS A 260 -10.36 -21.33 -2.92
N VAL A 261 -9.36 -21.52 -3.76
CA VAL A 261 -8.41 -20.46 -4.09
C VAL A 261 -8.37 -20.26 -5.59
N TYR A 262 -8.64 -19.03 -6.01
CA TYR A 262 -8.65 -18.69 -7.45
C TYR A 262 -7.58 -17.63 -7.69
N HIS A 263 -6.73 -17.87 -8.70
CA HIS A 263 -5.63 -16.96 -8.99
C HIS A 263 -5.14 -17.17 -10.43
N GLN A 264 -4.55 -16.12 -11.01
CA GLN A 264 -3.91 -16.21 -12.32
C GLN A 264 -2.91 -17.38 -12.50
N GLY A 265 -2.24 -17.79 -11.42
CA GLY A 265 -1.28 -18.89 -11.44
C GLY A 265 -1.85 -20.27 -11.12
N LEU A 266 -3.16 -20.38 -11.09
CA LEU A 266 -3.83 -21.66 -10.80
C LEU A 266 -4.77 -22.01 -11.95
N PRO A 267 -4.28 -22.77 -12.90
CA PRO A 267 -5.12 -23.12 -14.04
C PRO A 267 -6.44 -23.73 -13.63
N GLU A 268 -6.41 -24.52 -12.57
CA GLU A 268 -7.63 -25.02 -11.95
C GLU A 268 -7.55 -24.51 -10.51
N PRO A 269 -8.61 -23.91 -10.01
CA PRO A 269 -8.59 -23.41 -8.63
C PRO A 269 -8.26 -24.52 -7.64
N LEU A 270 -7.66 -24.15 -6.51
CA LEU A 270 -7.35 -25.14 -5.48
C LEU A 270 -8.56 -25.37 -4.61
N THR A 271 -8.74 -26.62 -4.18
CA THR A 271 -9.77 -26.98 -3.22
C THR A 271 -9.03 -27.73 -2.11
N LEU A 272 -9.17 -27.28 -0.87
CA LEU A 272 -8.49 -27.87 0.29
C LEU A 272 -9.44 -28.05 1.41
N ARG A 273 -9.07 -28.93 2.34
CA ARG A 273 -9.86 -29.13 3.55
C ARG A 273 -8.91 -29.48 4.69
N TRP A 274 -9.35 -29.26 5.92
CA TRP A 274 -8.52 -29.54 7.07
C TRP A 274 -8.09 -30.99 7.08
N ILE B 1 -9.20 13.60 10.45
CA ILE B 1 -9.84 12.28 10.73
C ILE B 1 -8.86 11.35 11.44
N GLN B 2 -9.31 10.68 12.50
CA GLN B 2 -8.46 9.72 13.21
C GLN B 2 -8.89 8.26 13.06
N LYS B 3 -7.96 7.43 12.62
CA LYS B 3 -8.20 6.01 12.44
C LYS B 3 -7.07 5.21 13.08
N THR B 4 -7.44 4.24 13.91
CA THR B 4 -6.47 3.45 14.65
C THR B 4 -5.85 2.38 13.76
N PRO B 5 -4.54 2.20 13.85
CA PRO B 5 -3.91 1.17 13.00
C PRO B 5 -4.27 -0.29 13.30
N GLN B 6 -4.41 -1.09 12.22
CA GLN B 6 -4.52 -2.53 12.30
C GLN B 6 -3.09 -2.99 12.20
N ILE B 7 -2.65 -3.91 13.05
CA ILE B 7 -1.26 -4.35 13.08
C ILE B 7 -1.21 -5.87 12.89
N GLN B 8 -0.56 -6.30 11.81
CA GLN B 8 -0.50 -7.73 11.42
C GLN B 8 0.95 -8.19 11.31
N VAL B 9 1.27 -9.31 11.95
CA VAL B 9 2.62 -9.83 12.02
C VAL B 9 2.65 -11.22 11.46
N TYR B 10 3.54 -11.47 10.51
CA TYR B 10 3.51 -12.75 9.79
C TYR B 10 4.82 -12.99 9.05
N SER B 11 5.16 -14.25 8.86
CA SER B 11 6.34 -14.63 8.10
C SER B 11 5.99 -14.92 6.66
N ARG B 12 6.99 -14.79 5.81
CA ARG B 12 6.85 -15.10 4.38
C ARG B 12 6.59 -16.58 4.10
N HIS B 13 7.34 -17.43 4.80
CA HIS B 13 7.21 -18.88 4.65
C HIS B 13 6.74 -19.46 5.98
N PRO B 14 6.04 -20.60 5.99
CA PRO B 14 5.72 -21.26 7.25
C PRO B 14 7.04 -21.46 8.00
N PRO B 15 7.08 -21.10 9.27
CA PRO B 15 8.35 -21.11 9.98
C PRO B 15 8.94 -22.50 10.20
N GLU B 16 10.22 -22.61 9.95
CA GLU B 16 10.95 -23.84 10.15
C GLU B 16 12.25 -23.45 10.84
N ASN B 17 12.47 -23.97 12.04
CA ASN B 17 13.67 -23.62 12.78
C ASN B 17 14.93 -23.88 11.98
N GLY B 18 15.83 -22.90 11.94
CA GLY B 18 17.08 -23.04 11.21
C GLY B 18 17.02 -22.63 9.74
N LYS B 19 15.82 -22.33 9.22
CA LYS B 19 15.68 -21.94 7.82
C LYS B 19 15.40 -20.44 7.67
N PRO B 20 16.19 -19.76 6.84
CA PRO B 20 16.03 -18.32 6.59
C PRO B 20 14.60 -17.97 6.12
N ASN B 21 14.09 -16.84 6.61
CA ASN B 21 12.71 -16.44 6.34
C ASN B 21 12.69 -14.91 6.38
N ILE B 22 11.49 -14.33 6.25
CA ILE B 22 11.30 -12.91 6.37
C ILE B 22 10.13 -12.71 7.33
N LEU B 23 10.32 -11.78 8.26
CA LEU B 23 9.28 -11.39 9.22
C LEU B 23 8.71 -10.05 8.82
N ASN B 24 7.39 -9.95 8.85
CA ASN B 24 6.67 -8.77 8.40
C ASN B 24 5.76 -8.20 9.48
N CYS B 25 5.68 -6.88 9.53
CA CYS B 25 4.70 -6.17 10.36
C CYS B 25 4.02 -5.19 9.41
N TYR B 26 2.78 -5.47 9.06
CA TYR B 26 2.01 -4.61 8.13
C TYR B 26 1.08 -3.78 8.99
N VAL B 27 1.21 -2.46 8.88
CA VAL B 27 0.43 -1.55 9.71
C VAL B 27 -0.49 -0.77 8.79
N THR B 28 -1.80 -0.89 9.00
CA THR B 28 -2.73 -0.42 7.99
C THR B 28 -3.92 0.31 8.55
N GLN B 29 -4.65 0.98 7.65
CA GLN B 29 -5.91 1.65 8.00
C GLN B 29 -5.78 2.76 9.03
N PHE B 30 -4.65 3.48 8.99
CA PHE B 30 -4.43 4.54 9.97
C PHE B 30 -4.42 5.97 9.42
N HIS B 31 -4.72 6.93 10.29
CA HIS B 31 -4.65 8.35 9.95
C HIS B 31 -4.70 9.06 11.31
N PRO B 32 -3.89 10.08 11.56
CA PRO B 32 -2.93 10.69 10.63
C PRO B 32 -1.69 9.86 10.35
N PRO B 33 -0.86 10.29 9.41
CA PRO B 33 0.29 9.49 9.01
C PRO B 33 1.44 9.36 9.98
N HIS B 34 1.63 10.28 10.91
CA HIS B 34 2.72 10.14 11.86
C HIS B 34 2.59 8.82 12.65
N ILE B 35 3.65 8.04 12.65
CA ILE B 35 3.61 6.75 13.34
C ILE B 35 5.01 6.24 13.64
N GLU B 36 5.14 5.46 14.71
CA GLU B 36 6.40 4.81 15.03
C GLU B 36 6.16 3.30 15.05
N ILE B 37 6.97 2.57 14.29
CA ILE B 37 6.85 1.12 14.16
C ILE B 37 8.20 0.50 14.46
N GLN B 38 8.23 -0.42 15.45
CA GLN B 38 9.46 -1.09 15.84
C GLN B 38 9.26 -2.59 15.81
N MET B 39 10.19 -3.33 15.21
CA MET B 39 10.16 -4.80 15.28
C MET B 39 11.12 -5.22 16.42
N LEU B 40 10.70 -6.19 17.22
CA LEU B 40 11.45 -6.64 18.40
C LEU B 40 11.74 -8.12 18.35
N LYS B 41 12.96 -8.50 18.75
CA LYS B 41 13.35 -9.88 18.90
C LYS B 41 13.68 -10.05 20.39
N ASN B 42 12.97 -10.92 21.07
CA ASN B 42 13.24 -11.16 22.52
C ASN B 42 13.26 -9.84 23.26
N GLY B 43 12.35 -8.94 22.91
CA GLY B 43 12.21 -7.67 23.60
C GLY B 43 13.16 -6.56 23.22
N LYS B 44 14.09 -6.85 22.32
CA LYS B 44 15.08 -5.87 21.88
C LYS B 44 14.83 -5.41 20.44
N LYS B 45 14.97 -4.12 20.21
CA LYS B 45 14.76 -3.58 18.87
C LYS B 45 15.67 -4.24 17.84
N ILE B 46 15.08 -4.62 16.70
CA ILE B 46 15.86 -5.21 15.61
C ILE B 46 16.40 -4.09 14.77
N PRO B 47 17.72 -4.03 14.56
CA PRO B 47 18.28 -2.95 13.75
C PRO B 47 18.09 -3.19 12.24
N LYS B 48 18.10 -2.10 11.50
CA LYS B 48 18.11 -2.17 10.02
C LYS B 48 16.85 -2.79 9.38
N VAL B 49 15.72 -2.61 10.05
CA VAL B 49 14.42 -3.06 9.53
C VAL B 49 14.12 -2.22 8.29
N GLU B 50 13.61 -2.85 7.24
CA GLU B 50 13.26 -2.15 6.00
C GLU B 50 11.80 -1.73 5.99
N MET B 51 11.52 -0.45 5.66
CA MET B 51 10.18 0.07 5.49
C MET B 51 9.89 0.12 4.00
N SER B 52 8.74 -0.40 3.62
CA SER B 52 8.36 -0.46 2.21
C SER B 52 6.88 -0.48 2.01
N ASP B 53 6.44 -0.46 0.76
CA ASP B 53 5.02 -0.64 0.47
C ASP B 53 4.11 0.39 1.13
N MET B 54 4.54 1.63 1.20
CA MET B 54 3.69 2.70 1.72
C MET B 54 2.61 3.02 0.72
N SER B 55 1.33 3.02 1.05
CA SER B 55 0.29 3.36 0.10
C SER B 55 -0.88 3.88 0.92
N PHE B 56 -1.93 4.27 0.21
CA PHE B 56 -3.16 4.61 0.90
C PHE B 56 -4.35 4.02 0.17
N SER B 57 -5.42 3.77 0.89
CA SER B 57 -6.63 3.18 0.32
C SER B 57 -7.56 4.23 -0.22
N LYS B 58 -8.68 3.80 -0.78
CA LYS B 58 -9.67 4.70 -1.30
C LYS B 58 -10.23 5.66 -0.25
N ASP B 59 -10.25 5.26 1.03
CA ASP B 59 -10.69 6.15 2.09
C ASP B 59 -9.55 7.00 2.70
N TRP B 60 -8.40 6.97 2.04
CA TRP B 60 -7.23 7.79 2.37
C TRP B 60 -6.42 7.28 3.57
N SER B 61 -6.82 6.16 4.15
CA SER B 61 -6.07 5.61 5.26
C SER B 61 -4.69 5.10 4.78
N PHE B 62 -3.68 5.18 5.62
CA PHE B 62 -2.30 4.76 5.31
C PHE B 62 -2.02 3.30 5.59
N TYR B 63 -1.10 2.75 4.79
CA TYR B 63 -0.65 1.37 4.89
C TYR B 63 0.86 1.41 4.73
N ILE B 64 1.58 0.64 5.53
CA ILE B 64 3.04 0.55 5.38
C ILE B 64 3.53 -0.78 5.94
N LEU B 65 4.58 -1.33 5.31
CA LEU B 65 5.20 -2.59 5.72
C LEU B 65 6.57 -2.39 6.36
N ALA B 66 6.80 -3.05 7.51
CA ALA B 66 8.12 -3.17 8.08
C ALA B 66 8.52 -4.63 7.90
N HIS B 67 9.74 -4.89 7.43
CA HIS B 67 10.15 -6.26 7.27
C HIS B 67 11.64 -6.48 7.50
N THR B 68 12.00 -7.69 7.88
CA THR B 68 13.38 -7.99 8.17
C THR B 68 13.64 -9.46 7.90
N GLU B 69 14.85 -9.79 7.48
CA GLU B 69 15.20 -11.19 7.31
C GLU B 69 15.44 -11.78 8.69
N PHE B 70 15.09 -13.06 8.86
CA PHE B 70 15.32 -13.74 10.14
C PHE B 70 15.31 -15.25 9.98
N THR B 71 15.98 -15.93 10.90
CA THR B 71 15.95 -17.39 10.91
C THR B 71 15.30 -17.84 12.20
N PRO B 72 14.06 -18.30 12.19
CA PRO B 72 13.41 -18.67 13.44
C PRO B 72 14.19 -19.75 14.21
N THR B 73 14.07 -19.75 15.53
CA THR B 73 14.60 -20.82 16.36
C THR B 73 13.47 -21.20 17.30
N GLU B 74 13.60 -22.30 18.02
CA GLU B 74 12.54 -22.71 18.94
C GLU B 74 12.37 -21.68 20.07
N THR B 75 13.41 -21.01 20.56
CA THR B 75 13.22 -20.13 21.71
C THR B 75 12.98 -18.64 21.44
N ASP B 76 13.35 -18.13 20.27
CA ASP B 76 13.21 -16.71 19.96
C ASP B 76 11.76 -16.29 19.73
N THR B 77 11.43 -15.13 20.30
CA THR B 77 10.09 -14.57 20.15
C THR B 77 10.19 -13.21 19.48
N TYR B 78 9.19 -12.91 18.69
CA TYR B 78 9.15 -11.67 17.93
C TYR B 78 7.86 -10.90 18.09
N ALA B 79 7.95 -9.59 17.97
CA ALA B 79 6.78 -8.72 18.11
C ALA B 79 6.99 -7.43 17.33
N CYS B 80 5.90 -6.70 17.15
CA CYS B 80 5.89 -5.38 16.54
C CYS B 80 5.17 -4.43 17.49
N ARG B 81 5.84 -3.32 17.78
CA ARG B 81 5.32 -2.30 18.69
C ARG B 81 5.07 -1.01 17.92
N VAL B 82 3.86 -0.49 18.06
CA VAL B 82 3.46 0.70 17.30
C VAL B 82 2.98 1.84 18.23
N LYS B 83 3.43 3.06 17.96
CA LYS B 83 2.96 4.26 18.64
C LYS B 83 2.24 5.13 17.60
N HIS B 84 1.01 5.54 17.90
CA HIS B 84 0.20 6.37 17.02
C HIS B 84 -0.76 7.21 17.88
N ASP B 85 -1.10 8.42 17.42
CA ASP B 85 -1.93 9.35 18.20
C ASP B 85 -3.31 8.82 18.57
N SER B 86 -3.82 7.86 17.82
CA SER B 86 -5.12 7.28 18.06
C SER B 86 -5.10 6.37 19.29
N MET B 87 -3.91 6.11 19.81
CA MET B 87 -3.71 5.21 20.93
C MET B 87 -2.95 5.90 22.08
N ALA B 88 -3.56 5.96 23.25
CA ALA B 88 -2.92 6.58 24.41
C ALA B 88 -1.55 6.00 24.73
N GLU B 89 -1.44 4.68 24.64
CA GLU B 89 -0.17 3.99 24.85
C GLU B 89 0.16 3.07 23.68
N PRO B 90 1.42 2.72 23.58
CA PRO B 90 1.87 1.86 22.49
C PRO B 90 1.14 0.50 22.47
N LYS B 91 0.97 -0.04 21.27
CA LYS B 91 0.35 -1.34 21.04
C LYS B 91 1.37 -2.33 20.49
N THR B 92 1.45 -3.51 21.10
CA THR B 92 2.37 -4.56 20.67
C THR B 92 1.60 -5.77 20.22
N VAL B 93 1.98 -6.30 19.05
CA VAL B 93 1.38 -7.50 18.48
C VAL B 93 2.49 -8.55 18.32
N TYR B 94 2.23 -9.75 18.81
CA TYR B 94 3.20 -10.81 18.78
C TYR B 94 3.05 -11.67 17.58
N TRP B 95 4.17 -12.14 17.07
CA TRP B 95 4.16 -13.14 16.05
C TRP B 95 3.63 -14.44 16.65
N ASP B 96 2.56 -14.96 16.05
CA ASP B 96 1.92 -16.22 16.47
C ASP B 96 2.26 -17.22 15.40
N ARG B 97 3.27 -18.01 15.64
CA ARG B 97 3.72 -18.95 14.62
C ARG B 97 2.77 -20.08 14.32
N ASP B 98 1.70 -20.22 15.08
CA ASP B 98 0.74 -21.31 14.84
C ASP B 98 -0.57 -20.85 14.22
N MET B 99 -0.67 -19.56 13.88
CA MET B 99 -1.92 -19.02 13.36
C MET B 99 -2.36 -19.71 12.06
N ARG C 1 7.44 7.88 -14.90
CA ARG C 1 7.82 9.29 -14.55
C ARG C 1 6.66 10.01 -13.96
N GLY C 2 6.91 10.69 -12.84
CA GLY C 2 5.89 11.45 -12.18
C GLY C 2 5.55 12.81 -12.76
N TYR C 3 4.49 13.35 -12.21
CA TYR C 3 3.93 14.62 -12.65
C TYR C 3 4.53 15.78 -11.85
N VAL C 4 4.55 16.97 -12.45
CA VAL C 4 4.90 18.21 -11.77
C VAL C 4 3.56 18.84 -11.36
N TYR C 5 3.26 18.81 -10.06
CA TYR C 5 1.95 19.20 -9.52
C TYR C 5 1.74 20.73 -9.59
N GLN C 6 0.48 21.09 -9.75
CA GLN C 6 0.05 22.47 -9.79
C GLN C 6 -0.35 22.90 -8.36
N GLY C 7 0.02 24.11 -7.96
CA GLY C 7 -0.35 24.61 -6.64
C GLY C 7 -1.86 24.75 -6.46
N LEU C 8 -2.31 24.53 -5.22
CA LEU C 8 -3.73 24.60 -4.82
C LEU C 8 -4.26 26.03 -4.60
C1 NAG D . 12.08 -10.25 -20.82
C2 NAG D . 12.14 -11.77 -20.92
C3 NAG D . 13.36 -12.31 -21.69
C4 NAG D . 13.66 -11.51 -22.94
C5 NAG D . 13.64 -10.01 -22.61
C6 NAG D . 13.89 -9.17 -23.85
C7 NAG D . 11.18 -13.19 -19.22
C8 NAG D . 11.52 -14.16 -18.13
N2 NAG D . 12.14 -12.35 -19.59
O3 NAG D . 13.10 -13.66 -22.09
O4 NAG D . 14.97 -11.85 -23.34
O5 NAG D . 12.37 -9.66 -22.09
O6 NAG D . 13.91 -7.81 -23.50
O7 NAG D . 10.08 -13.19 -19.75
C1 NAG D . 15.03 -12.39 -24.68
C2 NAG D . 16.51 -12.41 -25.17
C3 NAG D . 16.57 -12.77 -26.64
C4 NAG D . 15.68 -13.97 -26.91
C5 NAG D . 14.22 -13.73 -26.51
C6 NAG D . 13.37 -14.98 -26.65
C7 NAG D . 18.16 -11.01 -24.03
C8 NAG D . 18.84 -9.66 -23.95
N2 NAG D . 17.19 -11.15 -24.93
O3 NAG D . 17.91 -13.04 -26.98
O4 NAG D . 15.70 -14.25 -28.29
O5 NAG D . 14.00 -13.17 -25.23
O6 NAG D . 13.87 -16.00 -25.81
O7 NAG D . 18.51 -11.92 -23.28
C1 FUC D . 15.18 -7.18 -23.42
C2 FUC D . 15.11 -5.64 -23.47
C3 FUC D . 14.30 -5.15 -22.27
C4 FUC D . 14.97 -5.58 -20.97
C5 FUC D . 15.17 -7.09 -21.04
C6 FUC D . 15.81 -7.53 -19.74
O2 FUC D . 14.50 -5.21 -24.67
O3 FUC D . 14.14 -3.73 -22.29
O4 FUC D . 16.19 -4.93 -20.72
O5 FUC D . 15.87 -7.52 -22.21
C1 NAG E . -11.64 32.46 11.48
C2 NAG E . -13.06 33.02 11.35
C3 NAG E . -13.46 33.99 12.46
C4 NAG E . -12.99 33.55 13.83
C5 NAG E . -11.53 33.10 13.75
C6 NAG E . -11.05 32.54 15.09
C7 NAG E . -14.14 33.34 9.21
C8 NAG E . -14.57 34.34 8.19
N2 NAG E . -13.21 33.71 10.08
O3 NAG E . -14.87 34.10 12.48
O4 NAG E . -13.09 34.64 14.73
O5 NAG E . -11.42 32.07 12.81
O6 NAG E . -9.69 32.18 14.97
O7 NAG E . -14.64 32.22 9.22
C1 MPD F . -20.76 23.04 -0.06
C2 MPD F . -20.78 22.09 -1.24
O2 MPD F . -20.02 20.93 -0.85
CM MPD F . -22.21 21.63 -1.51
C3 MPD F . -20.29 22.71 -2.54
C4 MPD F . -18.91 22.27 -3.00
O4 MPD F . -18.82 20.88 -3.14
C5 MPD F . -18.51 22.90 -4.32
C1 MPD G . 3.37 6.45 7.04
C2 MPD G . 4.46 7.51 7.15
O2 MPD G . 4.33 8.13 8.46
CM MPD G . 5.82 6.85 7.03
C3 MPD G . 4.28 8.54 6.05
C4 MPD G . 4.48 10.00 6.40
O4 MPD G . 4.65 10.45 7.71
C5 MPD G . 4.48 11.03 5.33
#